data_4RIP
# 
_entry.id   4RIP 
# 
_audit_conform.dict_name       mmcif_pdbx.dic 
_audit_conform.dict_version    5.387 
_audit_conform.dict_location   http://mmcif.pdb.org/dictionaries/ascii/mmcif_pdbx.dic 
# 
loop_
_database_2.database_id 
_database_2.database_code 
_database_2.pdbx_database_accession 
_database_2.pdbx_DOI 
PDB   4RIP         pdb_00004rip 10.2210/pdb4rip/pdb 
NDB   NA3217       ?            ?                   
RCSB  RCSB087394   ?            ?                   
WWPDB D_1000087394 ?            ?                   
# 
loop_
_pdbx_audit_revision_history.ordinal 
_pdbx_audit_revision_history.data_content_type 
_pdbx_audit_revision_history.major_revision 
_pdbx_audit_revision_history.minor_revision 
_pdbx_audit_revision_history.revision_date 
1 'Structure model' 1 0 2015-02-11 
2 'Structure model' 1 1 2015-02-25 
3 'Structure model' 1 2 2015-03-04 
4 'Structure model' 1 3 2024-02-28 
# 
_pdbx_audit_revision_details.ordinal             1 
_pdbx_audit_revision_details.revision_ordinal    1 
_pdbx_audit_revision_details.data_content_type   'Structure model' 
_pdbx_audit_revision_details.provider            repository 
_pdbx_audit_revision_details.type                'Initial release' 
_pdbx_audit_revision_details.description         ? 
_pdbx_audit_revision_details.details             ? 
# 
loop_
_pdbx_audit_revision_group.ordinal 
_pdbx_audit_revision_group.revision_ordinal 
_pdbx_audit_revision_group.data_content_type 
_pdbx_audit_revision_group.group 
1 2 'Structure model' 'Derived calculations' 
2 3 'Structure model' 'Database references'  
3 4 'Structure model' 'Data collection'      
4 4 'Structure model' 'Database references'  
5 4 'Structure model' 'Derived calculations' 
# 
loop_
_pdbx_audit_revision_category.ordinal 
_pdbx_audit_revision_category.revision_ordinal 
_pdbx_audit_revision_category.data_content_type 
_pdbx_audit_revision_category.category 
1 4 'Structure model' chem_comp_atom 
2 4 'Structure model' chem_comp_bond 
3 4 'Structure model' database_2     
4 4 'Structure model' struct_conn    
# 
loop_
_pdbx_audit_revision_item.ordinal 
_pdbx_audit_revision_item.revision_ordinal 
_pdbx_audit_revision_item.data_content_type 
_pdbx_audit_revision_item.item 
1 4 'Structure model' '_database_2.pdbx_DOI'                
2 4 'Structure model' '_database_2.pdbx_database_accession' 
3 4 'Structure model' '_struct_conn.pdbx_leaving_atom_flag' 
# 
_pdbx_database_status.status_code                     REL 
_pdbx_database_status.entry_id                        4RIP 
_pdbx_database_status.recvd_initial_deposition_date   2014-10-07 
_pdbx_database_status.deposit_site                    RCSB 
_pdbx_database_status.process_site                    RCSB 
_pdbx_database_status.status_code_sf                  REL 
_pdbx_database_status.status_code_mr                  ? 
_pdbx_database_status.SG_entry                        ? 
_pdbx_database_status.status_code_cs                  ? 
_pdbx_database_status.methods_development_category    ? 
_pdbx_database_status.pdb_format_compatible           Y 
_pdbx_database_status.status_code_nmr_data            ? 
# 
_pdbx_database_related.db_name        PDB 
_pdbx_database_related.db_id          4RIM 
_pdbx_database_related.details        'Native structure of intercalation-locked DNA tetraplex' 
_pdbx_database_related.content_type   unspecified 
# 
loop_
_audit_author.name 
_audit_author.pdbx_ordinal 
'Tripathi, S.K.' 1 
'Zhang, D.'      2 
'Paukstelis, P.' 3 
# 
_citation.id                        primary 
_citation.title                     'An intercalation-locked parallel-stranded DNA tetraplex.' 
_citation.journal_abbrev            'Nucleic Acids Res.' 
_citation.journal_volume            43 
_citation.page_first                1937 
_citation.page_last                 1944 
_citation.year                      2015 
_citation.journal_id_ASTM           NARHAD 
_citation.country                   UK 
_citation.journal_id_ISSN           0305-1048 
_citation.journal_id_CSD            0389 
_citation.book_publisher            ? 
_citation.pdbx_database_id_PubMed   25628357 
_citation.pdbx_database_id_DOI      10.1093/nar/gkv033 
# 
loop_
_citation_author.citation_id 
_citation_author.name 
_citation_author.ordinal 
_citation_author.identifier_ORCID 
primary 'Tripathi, S.'     1 ? 
primary 'Zhang, D.'        2 ? 
primary 'Paukstelis, P.J.' 3 ? 
# 
loop_
_entity.id 
_entity.type 
_entity.src_method 
_entity.pdbx_description 
_entity.formula_weight 
_entity.pdbx_number_of_molecules 
_entity.pdbx_ec 
_entity.pdbx_mutation 
_entity.pdbx_fragment 
_entity.details 
1 polymer syn 
;DNA (5'-D(*AP*CP*(BRU)P*CP*GP*GP*AP*(BRU)P*GP*AP*T)-3')
;
3502.962 1  ? ? ? ? 
2 water   nat water                                                     18.015   25 ? ? ? ? 
# 
_entity_poly.entity_id                      1 
_entity_poly.type                           polydeoxyribonucleotide 
_entity_poly.nstd_linkage                   no 
_entity_poly.nstd_monomer                   yes 
_entity_poly.pdbx_seq_one_letter_code       '(DA)(DC)(BRU)(DC)(DG)(DG)(DA)(BRU)(DG)(DA)(DT)' 
_entity_poly.pdbx_seq_one_letter_code_can   ACUCGGAUGAT 
_entity_poly.pdbx_strand_id                 A 
_entity_poly.pdbx_target_identifier         ? 
# 
_pdbx_entity_nonpoly.entity_id   2 
_pdbx_entity_nonpoly.name        water 
_pdbx_entity_nonpoly.comp_id     HOH 
# 
loop_
_entity_poly_seq.entity_id 
_entity_poly_seq.num 
_entity_poly_seq.mon_id 
_entity_poly_seq.hetero 
1 1  DA  n 
1 2  DC  n 
1 3  BRU n 
1 4  DC  n 
1 5  DG  n 
1 6  DG  n 
1 7  DA  n 
1 8  BRU n 
1 9  DG  n 
1 10 DA  n 
1 11 DT  n 
# 
_pdbx_entity_src_syn.entity_id              1 
_pdbx_entity_src_syn.pdbx_src_id            1 
_pdbx_entity_src_syn.pdbx_alt_source_flag   sample 
_pdbx_entity_src_syn.pdbx_beg_seq_num       ? 
_pdbx_entity_src_syn.pdbx_end_seq_num       ? 
_pdbx_entity_src_syn.organism_scientific    'synthetic construct' 
_pdbx_entity_src_syn.organism_common_name   ? 
_pdbx_entity_src_syn.ncbi_taxonomy_id       32630 
_pdbx_entity_src_syn.details                ? 
# 
loop_
_chem_comp.id 
_chem_comp.type 
_chem_comp.mon_nstd_flag 
_chem_comp.name 
_chem_comp.pdbx_synonyms 
_chem_comp.formula 
_chem_comp.formula_weight 
BRU 'DNA linking' n "5-BROMO-2'-DEOXYURIDINE-5'-MONOPHOSPHATE" ? 'C9 H12 Br N2 O8 P' 387.078 
DA  'DNA linking' y "2'-DEOXYADENOSINE-5'-MONOPHOSPHATE"       ? 'C10 H14 N5 O6 P'   331.222 
DC  'DNA linking' y "2'-DEOXYCYTIDINE-5'-MONOPHOSPHATE"        ? 'C9 H14 N3 O7 P'    307.197 
DG  'DNA linking' y "2'-DEOXYGUANOSINE-5'-MONOPHOSPHATE"       ? 'C10 H14 N5 O7 P'   347.221 
DT  'DNA linking' y "THYMIDINE-5'-MONOPHOSPHATE"               ? 'C10 H15 N2 O8 P'   322.208 
HOH non-polymer   . WATER                                      ? 'H2 O'              18.015  
# 
loop_
_pdbx_poly_seq_scheme.asym_id 
_pdbx_poly_seq_scheme.entity_id 
_pdbx_poly_seq_scheme.seq_id 
_pdbx_poly_seq_scheme.mon_id 
_pdbx_poly_seq_scheme.ndb_seq_num 
_pdbx_poly_seq_scheme.pdb_seq_num 
_pdbx_poly_seq_scheme.auth_seq_num 
_pdbx_poly_seq_scheme.pdb_mon_id 
_pdbx_poly_seq_scheme.auth_mon_id 
_pdbx_poly_seq_scheme.pdb_strand_id 
_pdbx_poly_seq_scheme.pdb_ins_code 
_pdbx_poly_seq_scheme.hetero 
A 1 1  DA  1  1  1  DA  DA  A . n 
A 1 2  DC  2  2  2  DC  DC  A . n 
A 1 3  BRU 3  3  3  BRU BRU A . n 
A 1 4  DC  4  4  4  DC  DC  A . n 
A 1 5  DG  5  5  5  DG  DG  A . n 
A 1 6  DG  6  6  6  DG  DG  A . n 
A 1 7  DA  7  7  7  DA  DA  A . n 
A 1 8  BRU 8  8  8  BRU BRU A . n 
A 1 9  DG  9  9  9  DG  DG  A . n 
A 1 10 DA  10 10 10 DA  DA  A . n 
A 1 11 DT  11 11 11 DT  DT  A . n 
# 
loop_
_pdbx_nonpoly_scheme.asym_id 
_pdbx_nonpoly_scheme.entity_id 
_pdbx_nonpoly_scheme.mon_id 
_pdbx_nonpoly_scheme.ndb_seq_num 
_pdbx_nonpoly_scheme.pdb_seq_num 
_pdbx_nonpoly_scheme.auth_seq_num 
_pdbx_nonpoly_scheme.pdb_mon_id 
_pdbx_nonpoly_scheme.auth_mon_id 
_pdbx_nonpoly_scheme.pdb_strand_id 
_pdbx_nonpoly_scheme.pdb_ins_code 
B 2 HOH 1  101 1  HOH HOH A . 
B 2 HOH 2  102 2  HOH HOH A . 
B 2 HOH 3  103 3  HOH HOH A . 
B 2 HOH 4  104 4  HOH HOH A . 
B 2 HOH 5  105 5  HOH HOH A . 
B 2 HOH 6  106 6  HOH HOH A . 
B 2 HOH 7  107 7  HOH HOH A . 
B 2 HOH 8  108 8  HOH HOH A . 
B 2 HOH 9  109 9  HOH HOH A . 
B 2 HOH 10 110 10 HOH HOH A . 
B 2 HOH 11 111 11 HOH HOH A . 
B 2 HOH 12 112 12 HOH HOH A . 
B 2 HOH 13 113 13 HOH HOH A . 
B 2 HOH 14 114 14 HOH HOH A . 
B 2 HOH 15 115 15 HOH HOH A . 
B 2 HOH 16 116 16 HOH HOH A . 
B 2 HOH 17 117 17 HOH HOH A . 
B 2 HOH 18 118 18 HOH HOH A . 
B 2 HOH 19 119 19 HOH HOH A . 
B 2 HOH 20 120 20 HOH HOH A . 
B 2 HOH 21 121 21 HOH HOH A . 
B 2 HOH 22 122 22 HOH HOH A . 
B 2 HOH 23 123 23 HOH HOH A . 
B 2 HOH 24 124 24 HOH HOH A . 
B 2 HOH 25 125 25 HOH HOH A . 
# 
loop_
_pdbx_unobs_or_zero_occ_atoms.id 
_pdbx_unobs_or_zero_occ_atoms.PDB_model_num 
_pdbx_unobs_or_zero_occ_atoms.polymer_flag 
_pdbx_unobs_or_zero_occ_atoms.occupancy_flag 
_pdbx_unobs_or_zero_occ_atoms.auth_asym_id 
_pdbx_unobs_or_zero_occ_atoms.auth_comp_id 
_pdbx_unobs_or_zero_occ_atoms.auth_seq_id 
_pdbx_unobs_or_zero_occ_atoms.PDB_ins_code 
_pdbx_unobs_or_zero_occ_atoms.auth_atom_id 
_pdbx_unobs_or_zero_occ_atoms.label_alt_id 
_pdbx_unobs_or_zero_occ_atoms.label_asym_id 
_pdbx_unobs_or_zero_occ_atoms.label_comp_id 
_pdbx_unobs_or_zero_occ_atoms.label_seq_id 
_pdbx_unobs_or_zero_occ_atoms.label_atom_id 
1  1 Y 1 A DT 11 ? "O5'" ? A DT 11 "O5'" 
2  1 Y 1 A DT 11 ? "C5'" ? A DT 11 "C5'" 
3  1 Y 1 A DT 11 ? "C4'" ? A DT 11 "C4'" 
4  1 Y 1 A DT 11 ? "O4'" ? A DT 11 "O4'" 
5  1 Y 1 A DT 11 ? "C3'" ? A DT 11 "C3'" 
6  1 Y 1 A DT 11 ? "O3'" ? A DT 11 "O3'" 
7  1 Y 1 A DT 11 ? "C2'" ? A DT 11 "C2'" 
8  1 Y 1 A DT 11 ? "C1'" ? A DT 11 "C1'" 
9  1 Y 1 A DT 11 ? N1    ? A DT 11 N1    
10 1 Y 1 A DT 11 ? C2    ? A DT 11 C2    
11 1 Y 1 A DT 11 ? O2    ? A DT 11 O2    
12 1 Y 1 A DT 11 ? N3    ? A DT 11 N3    
13 1 Y 1 A DT 11 ? C4    ? A DT 11 C4    
14 1 Y 1 A DT 11 ? O4    ? A DT 11 O4    
15 1 Y 1 A DT 11 ? C5    ? A DT 11 C5    
16 1 Y 1 A DT 11 ? C7    ? A DT 11 C7    
17 1 Y 1 A DT 11 ? C6    ? A DT 11 C6    
# 
loop_
_software.name 
_software.classification 
_software.version 
_software.citation_id 
_software.pdbx_ordinal 
CBF1.3 'data collection' .                            ? 1 
SHELXS phasing           .                            ? 2 
PHENIX refinement        '(phenix.refine: 1.7.3_928)' ? 3 
MOSFLM 'data reduction'  .                            ? 4 
SCALA  'data scaling'    .                            ? 5 
# 
_cell.entry_id           4RIP 
_cell.length_a           26.400 
_cell.length_b           26.400 
_cell.length_c           166.452 
_cell.angle_alpha        90.00 
_cell.angle_beta         90.00 
_cell.angle_gamma        120.00 
_cell.Z_PDB              12 
_cell.pdbx_unique_axis   ? 
_cell.length_a_esd       ? 
_cell.length_b_esd       ? 
_cell.length_c_esd       ? 
_cell.angle_alpha_esd    ? 
_cell.angle_beta_esd     ? 
_cell.angle_gamma_esd    ? 
# 
_symmetry.entry_id                         4RIP 
_symmetry.space_group_name_H-M             'P 62 2 2' 
_symmetry.pdbx_full_space_group_name_H-M   ? 
_symmetry.cell_setting                     ? 
_symmetry.Int_Tables_number                180 
_symmetry.space_group_name_Hall            ? 
# 
_exptl.entry_id          4RIP 
_exptl.method            'X-RAY DIFFRACTION' 
_exptl.crystals_number   1 
# 
_exptl_crystal.id                    1 
_exptl_crystal.density_meas          ? 
_exptl_crystal.density_Matthews      2.39 
_exptl_crystal.density_percent_sol   48.54 
_exptl_crystal.description           ? 
_exptl_crystal.F_000                 ? 
_exptl_crystal.preparation           ? 
# 
_exptl_crystal_grow.crystal_id      1 
_exptl_crystal_grow.method          'VAPOR DIFFUSION, SITTING DROP' 
_exptl_crystal_grow.temp            300 
_exptl_crystal_grow.temp_details    ? 
_exptl_crystal_grow.pH              7.4 
_exptl_crystal_grow.pdbx_pH_range   ? 
_exptl_crystal_grow.pdbx_details    
'100 mM MgCl2, 5% PEG400, 30 mM sodium cacodylate, pH 7.4, 8mM cobalt hexamine, VAPOR DIFFUSION, SITTING DROP, temperature 300K' 
# 
_diffrn.id                     1 
_diffrn.ambient_temp           100 
_diffrn.ambient_temp_details   ? 
_diffrn.crystal_id             1 
# 
_diffrn_detector.diffrn_id              1 
_diffrn_detector.detector               PIXEL 
_diffrn_detector.type                   'DECTRIS PILATUS 6M-F' 
_diffrn_detector.pdbx_collection_date   2014-06-12 
_diffrn_detector.details                mirror 
# 
_diffrn_radiation.diffrn_id                        1 
_diffrn_radiation.wavelength_id                    1 
_diffrn_radiation.pdbx_monochromatic_or_laue_m_l   M 
_diffrn_radiation.monochromator                    Silicon 
_diffrn_radiation.pdbx_diffrn_protocol             'SINGLE WAVELENGTH' 
_diffrn_radiation.pdbx_scattering_type             x-ray 
# 
_diffrn_radiation_wavelength.id           1 
_diffrn_radiation_wavelength.wavelength   0.9198 
_diffrn_radiation_wavelength.wt           1.0 
# 
_diffrn_source.diffrn_id                   1 
_diffrn_source.source                      SYNCHROTRON 
_diffrn_source.type                        'APS BEAMLINE 24-ID-E' 
_diffrn_source.pdbx_synchrotron_site       APS 
_diffrn_source.pdbx_synchrotron_beamline   24-ID-E 
_diffrn_source.pdbx_wavelength             ? 
_diffrn_source.pdbx_wavelength_list        0.9198 
# 
_reflns.pdbx_diffrn_id               1 
_reflns.pdbx_ordinal                 1 
_reflns.entry_id                     4RIP 
_reflns.observed_criterion_sigma_I   3.0 
_reflns.observed_criterion_sigma_F   2.0 
_reflns.d_resolution_low             55.484 
_reflns.d_resolution_high            2.03 
_reflns.number_obs                   2699 
_reflns.number_all                   ? 
_reflns.percent_possible_obs         99 
_reflns.pdbx_Rmerge_I_obs            0.063 
_reflns.pdbx_Rsym_value              0.063 
_reflns.pdbx_netI_over_sigmaI        2.9 
_reflns.B_iso_Wilson_estimate        ? 
_reflns.pdbx_redundancy              9.5 
_reflns.R_free_details               ? 
_reflns.pdbx_chi_squared             ? 
_reflns.pdbx_scaling_rejects         ? 
# 
_reflns_shell.pdbx_diffrn_id         1 
_reflns_shell.pdbx_ordinal           1 
_reflns_shell.d_res_high             2.03 
_reflns_shell.d_res_low              2.14 
_reflns_shell.percent_possible_all   99.8 
_reflns_shell.Rmerge_I_obs           0.196 
_reflns_shell.pdbx_Rsym_value        0.196 
_reflns_shell.meanI_over_sigI_obs    3.6 
_reflns_shell.pdbx_redundancy        9.8 
_reflns_shell.percent_possible_obs   ? 
_reflns_shell.number_unique_all      ? 
_reflns_shell.number_measured_all    ? 
_reflns_shell.number_measured_obs    ? 
_reflns_shell.number_unique_obs      ? 
_reflns_shell.pdbx_chi_squared       ? 
# 
_refine.pdbx_refine_id                           'X-RAY DIFFRACTION' 
_refine.entry_id                                 4RIP 
_refine.pdbx_diffrn_id                           1 
_refine.pdbx_TLS_residual_ADP_flag               ? 
_refine.ls_number_reflns_obs                     2422 
_refine.ls_number_reflns_all                     3804 
_refine.pdbx_ls_sigma_I                          ? 
_refine.pdbx_ls_sigma_F                          1.46 
_refine.pdbx_data_cutoff_high_absF               ? 
_refine.pdbx_data_cutoff_low_absF                ? 
_refine.pdbx_data_cutoff_high_rms_absF           ? 
_refine.ls_d_res_low                             55 
_refine.ls_d_res_high                            2.100 
_refine.ls_percent_reflns_obs                    99.63 
_refine.ls_R_factor_obs                          0.2328 
_refine.ls_R_factor_all                          ? 
_refine.ls_R_factor_R_work                       0.2324 
_refine.ls_R_factor_R_free                       0.2385 
_refine.ls_R_factor_R_free_error                 ? 
_refine.ls_R_factor_R_free_error_details         ? 
_refine.ls_percent_reflns_R_free                 5.10 
_refine.ls_number_reflns_R_free                  194 
_refine.ls_number_parameters                     ? 
_refine.ls_number_restraints                     ? 
_refine.occupancy_min                            ? 
_refine.occupancy_max                            ? 
_refine.correlation_coeff_Fo_to_Fc               ? 
_refine.correlation_coeff_Fo_to_Fc_free          ? 
_refine.B_iso_mean                               ? 
_refine.aniso_B[1][1]                            1.2078 
_refine.aniso_B[2][2]                            1.2078 
_refine.aniso_B[3][3]                            -2.4155 
_refine.aniso_B[1][2]                            0.0000 
_refine.aniso_B[1][3]                            -0.0000 
_refine.aniso_B[2][3]                            -0.0000 
_refine.solvent_model_details                    'FLAT BULK SOLVENT MODEL' 
_refine.solvent_model_param_ksol                 0.400 
_refine.solvent_model_param_bsol                 30.030 
_refine.pdbx_solvent_vdw_probe_radii             1.00 
_refine.pdbx_solvent_ion_probe_radii             ? 
_refine.pdbx_solvent_shrinkage_radii             0.73 
_refine.pdbx_ls_cross_valid_method               ? 
_refine.details                                  ? 
_refine.pdbx_starting_model                      ? 
_refine.pdbx_method_to_determine_struct          SAD 
_refine.pdbx_isotropic_thermal_model             ? 
_refine.pdbx_stereochemistry_target_values       ML 
_refine.pdbx_stereochem_target_val_spec_case     ? 
_refine.pdbx_R_Free_selection_details            ? 
_refine.pdbx_overall_ESU_R                       ? 
_refine.pdbx_overall_ESU_R_Free                  ? 
_refine.overall_SU_ML                            0.00 
_refine.pdbx_overall_phase_error                 24.26 
_refine.overall_SU_B                             ? 
_refine.overall_SU_R_Cruickshank_DPI             ? 
_refine.pdbx_overall_SU_R_free_Cruickshank_DPI   ? 
_refine.pdbx_overall_SU_R_Blow_DPI               ? 
_refine.pdbx_overall_SU_R_free_Blow_DPI          ? 
_refine.ls_redundancy_reflns_obs                 ? 
_refine.overall_SU_R_free                        ? 
_refine.ls_wR_factor_R_free                      ? 
_refine.ls_wR_factor_R_work                      ? 
_refine.overall_FOM_free_R_set                   ? 
_refine.overall_FOM_work_R_set                   ? 
# 
_refine_hist.pdbx_refine_id                   'X-RAY DIFFRACTION' 
_refine_hist.cycle_id                         LAST 
_refine_hist.pdbx_number_atoms_protein        0 
_refine_hist.pdbx_number_atoms_nucleic_acid   207 
_refine_hist.pdbx_number_atoms_ligand         0 
_refine_hist.number_atoms_solvent             25 
_refine_hist.number_atoms_total               232 
_refine_hist.d_res_high                       2.100 
_refine_hist.d_res_low                        55 
# 
loop_
_refine_ls_restr.type 
_refine_ls_restr.dev_ideal 
_refine_ls_restr.dev_ideal_target 
_refine_ls_restr.weight 
_refine_ls_restr.number 
_refine_ls_restr.pdbx_refine_id 
_refine_ls_restr.pdbx_restraint_function 
f_bond_d           0.007  ? ? 232 'X-RAY DIFFRACTION' ? 
f_angle_d          1.659  ? ? 356 'X-RAY DIFFRACTION' ? 
f_dihedral_angle_d 39.746 ? ? 99  'X-RAY DIFFRACTION' ? 
f_chiral_restr     0.098  ? ? 37  'X-RAY DIFFRACTION' ? 
f_plane_restr      0.004  ? ? 10  'X-RAY DIFFRACTION' ? 
# 
_refine_ls_shell.pdbx_refine_id                   'X-RAY DIFFRACTION' 
_refine_ls_shell.pdbx_total_number_of_bins_used   ? 
_refine_ls_shell.d_res_high                       2.1000 
_refine_ls_shell.d_res_low                        2.14 
_refine_ls_shell.number_reflns_R_work             3610 
_refine_ls_shell.R_factor_R_work                  0.2324 
_refine_ls_shell.percent_reflns_obs               100.00 
_refine_ls_shell.R_factor_R_free                  0.2385 
_refine_ls_shell.R_factor_R_free_error            ? 
_refine_ls_shell.percent_reflns_R_free            ? 
_refine_ls_shell.number_reflns_R_free             194 
_refine_ls_shell.number_reflns_all                ? 
_refine_ls_shell.R_factor_all                     ? 
_refine_ls_shell.redundancy_reflns_obs            ? 
_refine_ls_shell.number_reflns_obs                ? 
# 
_struct.entry_id                  4RIP 
_struct.title                     'BromoUracil substituted structure of intercalation-locked DNA tetraplex' 
_struct.pdbx_model_details        ? 
_struct.pdbx_CASP_flag            ? 
_struct.pdbx_model_type_details   ? 
# 
_struct_keywords.entry_id        4RIP 
_struct_keywords.pdbx_keywords   DNA 
_struct_keywords.text            'BromoUracil, homoduplex, intercalation-locked DNA tetraplex, DNA' 
# 
loop_
_struct_asym.id 
_struct_asym.pdbx_blank_PDB_chainid_flag 
_struct_asym.pdbx_modified 
_struct_asym.entity_id 
_struct_asym.details 
A N N 1 ? 
B N N 2 ? 
# 
_struct_ref.id                         1 
_struct_ref.db_name                    PDB 
_struct_ref.db_code                    4RIP 
_struct_ref.pdbx_db_accession          4RIP 
_struct_ref.entity_id                  1 
_struct_ref.pdbx_align_begin           ? 
_struct_ref.pdbx_seq_one_letter_code   ? 
_struct_ref.pdbx_db_isoform            ? 
# 
_struct_ref_seq.align_id                      1 
_struct_ref_seq.ref_id                        1 
_struct_ref_seq.pdbx_PDB_id_code              4RIP 
_struct_ref_seq.pdbx_strand_id                A 
_struct_ref_seq.seq_align_beg                 1 
_struct_ref_seq.pdbx_seq_align_beg_ins_code   ? 
_struct_ref_seq.seq_align_end                 11 
_struct_ref_seq.pdbx_seq_align_end_ins_code   ? 
_struct_ref_seq.pdbx_db_accession             4RIP 
_struct_ref_seq.db_align_beg                  1 
_struct_ref_seq.pdbx_db_align_beg_ins_code    ? 
_struct_ref_seq.db_align_end                  11 
_struct_ref_seq.pdbx_db_align_end_ins_code    ? 
_struct_ref_seq.pdbx_auth_seq_align_beg       1 
_struct_ref_seq.pdbx_auth_seq_align_end       11 
# 
_pdbx_struct_assembly.id                   1 
_pdbx_struct_assembly.details              author_defined_assembly 
_pdbx_struct_assembly.method_details       ? 
_pdbx_struct_assembly.oligomeric_details   tetrameric 
_pdbx_struct_assembly.oligomeric_count     4 
# 
_pdbx_struct_assembly_gen.assembly_id       1 
_pdbx_struct_assembly_gen.oper_expression   1,2,3,4 
_pdbx_struct_assembly_gen.asym_id_list      A,B 
# 
loop_
_pdbx_struct_oper_list.id 
_pdbx_struct_oper_list.type 
_pdbx_struct_oper_list.name 
_pdbx_struct_oper_list.symmetry_operation 
_pdbx_struct_oper_list.matrix[1][1] 
_pdbx_struct_oper_list.matrix[1][2] 
_pdbx_struct_oper_list.matrix[1][3] 
_pdbx_struct_oper_list.vector[1] 
_pdbx_struct_oper_list.matrix[2][1] 
_pdbx_struct_oper_list.matrix[2][2] 
_pdbx_struct_oper_list.matrix[2][3] 
_pdbx_struct_oper_list.vector[2] 
_pdbx_struct_oper_list.matrix[3][1] 
_pdbx_struct_oper_list.matrix[3][2] 
_pdbx_struct_oper_list.matrix[3][3] 
_pdbx_struct_oper_list.vector[3] 
1 'identity operation'         1_555  x,y,z              1.0000000000  0.0000000000  0.0000000000  0.0000000000 0.0000000000  1.0000000000  0.0000000000  0.0000000000  0.0000000000  0.0000000000  1.0000000000  0.0000000000  
2 'crystal symmetry operation' 4_775  -x+2,-y+2,z        -0.7525937754 -0.2811846417 0.5954307739  2.5593652777 -0.2811846417 -0.6804251677 -0.6767250464 4.2250792434  0.5954307739  -0.6767250464 0.4330189431  0.9318035227  
3 'crystal symmetry operation' 9_765  -x+2,-x+y+1,-z+1/3 0.5621849306  0.7774643754  -0.2819525649 4.7712641621 0.7774643754  -0.6130734312 -0.1403214629 -4.0251461921 -0.2819525649 -0.1403214629 -0.9491114994 15.3365840282 
4 'crystal symmetry operation' 12_565 x,x-y+1,-z+1/3     -0.8095911551 -0.4962797337 -0.3134782090 9.2322249545 -0.4962797337 0.2934985989  0.8170465093  -4.7563667267 -0.3134782090 0.8170465093  -0.4839074437 13.1377096852 
# 
_struct_biol.id        1 
_struct_biol.details   ? 
# 
loop_
_struct_conn.id 
_struct_conn.conn_type_id 
_struct_conn.pdbx_leaving_atom_flag 
_struct_conn.pdbx_PDB_id 
_struct_conn.ptnr1_label_asym_id 
_struct_conn.ptnr1_label_comp_id 
_struct_conn.ptnr1_label_seq_id 
_struct_conn.ptnr1_label_atom_id 
_struct_conn.pdbx_ptnr1_label_alt_id 
_struct_conn.pdbx_ptnr1_PDB_ins_code 
_struct_conn.pdbx_ptnr1_standard_comp_id 
_struct_conn.ptnr1_symmetry 
_struct_conn.ptnr2_label_asym_id 
_struct_conn.ptnr2_label_comp_id 
_struct_conn.ptnr2_label_seq_id 
_struct_conn.ptnr2_label_atom_id 
_struct_conn.pdbx_ptnr2_label_alt_id 
_struct_conn.pdbx_ptnr2_PDB_ins_code 
_struct_conn.ptnr1_auth_asym_id 
_struct_conn.ptnr1_auth_comp_id 
_struct_conn.ptnr1_auth_seq_id 
_struct_conn.ptnr2_auth_asym_id 
_struct_conn.ptnr2_auth_comp_id 
_struct_conn.ptnr2_auth_seq_id 
_struct_conn.ptnr2_symmetry 
_struct_conn.pdbx_ptnr3_label_atom_id 
_struct_conn.pdbx_ptnr3_label_seq_id 
_struct_conn.pdbx_ptnr3_label_comp_id 
_struct_conn.pdbx_ptnr3_label_asym_id 
_struct_conn.pdbx_ptnr3_label_alt_id 
_struct_conn.pdbx_ptnr3_PDB_ins_code 
_struct_conn.details 
_struct_conn.pdbx_dist_value 
_struct_conn.pdbx_value_order 
_struct_conn.pdbx_role 
covale1  covale both ? A DC  2  "O3'" ? ? ? 1_555 A BRU 3  P  ? ? A DC  2  A BRU 3  1_555 ? ? ? ? ? ? ?            1.610 ? ? 
covale2  covale both ? A BRU 3  "O3'" ? ? ? 1_555 A DC  4  P  ? ? A BRU 3  A DC  4  1_555 ? ? ? ? ? ? ?            1.608 ? ? 
covale3  covale both ? A DA  7  "O3'" ? ? ? 1_555 A BRU 8  P  ? ? A DA  7  A BRU 8  1_555 ? ? ? ? ? ? ?            1.622 ? ? 
covale4  covale both ? A BRU 8  "O3'" ? ? ? 1_555 A DG  9  P  ? ? A BRU 8  A DG  9  1_555 ? ? ? ? ? ? ?            1.611 ? ? 
hydrog1  hydrog ?    ? A DA  1  N6    ? ? ? 1_555 A DA  1  N7 ? ? A DA  1  A DA  1  4_775 ? ? ? ? ? ? TYPE_2_PAIR  ?     ? ? 
hydrog2  hydrog ?    ? A DA  1  N7    ? ? ? 1_555 A DA  1  N6 ? ? A DA  1  A DA  1  4_775 ? ? ? ? ? ? TYPE_2_PAIR  ?     ? ? 
hydrog3  hydrog ?    ? A DC  4  N4    ? ? ? 1_555 A DC  4  O2 ? ? A DC  4  A DC  4  4_775 ? ? ? ? ? ? TYPE_15_PAIR ?     ? ? 
hydrog4  hydrog ?    ? A DC  4  O2    ? ? ? 1_555 A DC  4  N4 ? ? A DC  4  A DC  4  4_775 ? ? ? ? ? ? TYPE_15_PAIR ?     ? ? 
hydrog5  hydrog ?    ? A DG  5  N2    ? ? ? 1_555 A DG  5  N3 ? ? A DG  5  A DG  5  4_775 ? ? ? ? ? ? TYPE_4_PAIR  ?     ? ? 
hydrog6  hydrog ?    ? A DG  5  N3    ? ? ? 1_555 A DG  5  N2 ? ? A DG  5  A DG  5  4_775 ? ? ? ? ? ? TYPE_4_PAIR  ?     ? ? 
hydrog7  hydrog ?    ? A DG  6  N2    ? ? ? 1_555 A DG  6  N3 ? ? A DG  6  A DG  6  4_775 ? ? ? ? ? ? TYPE_4_PAIR  ?     ? ? 
hydrog8  hydrog ?    ? A DG  6  N3    ? ? ? 1_555 A DG  6  N2 ? ? A DG  6  A DG  6  4_775 ? ? ? ? ? ? TYPE_4_PAIR  ?     ? ? 
hydrog9  hydrog ?    ? A DA  7  N6    ? ? ? 1_555 A DA  7  N7 ? ? A DA  7  A DA  7  4_775 ? ? ? ? ? ? TYPE_2_PAIR  ?     ? ? 
hydrog10 hydrog ?    ? A DA  7  N7    ? ? ? 1_555 A DA  7  N6 ? ? A DA  7  A DA  7  4_775 ? ? ? ? ? ? TYPE_2_PAIR  ?     ? ? 
hydrog11 hydrog ?    ? A BRU 8  N3    ? ? ? 1_555 A BRU 8  O4 ? ? A BRU 8  A BRU 8  4_775 ? ? ? ? ? ? TYPE_12_PAIR ?     ? ? 
hydrog12 hydrog ?    ? A BRU 8  O4    ? ? ? 1_555 A BRU 8  N3 ? ? A BRU 8  A BRU 8  4_775 ? ? ? ? ? ? TYPE_12_PAIR ?     ? ? 
hydrog13 hydrog ?    ? A DA  10 N6    ? ? ? 1_555 A DA  10 N7 ? ? A DA  10 A DA  10 4_775 ? ? ? ? ? ? TYPE_2_PAIR  ?     ? ? 
hydrog14 hydrog ?    ? A DA  10 N7    ? ? ? 1_555 A DA  10 N6 ? ? A DA  10 A DA  10 4_775 ? ? ? ? ? ? TYPE_2_PAIR  ?     ? ? 
# 
loop_
_struct_conn_type.id 
_struct_conn_type.criteria 
_struct_conn_type.reference 
covale ? ? 
hydrog ? ? 
# 
_pdbx_validate_symm_contact.id                1 
_pdbx_validate_symm_contact.PDB_model_num     1 
_pdbx_validate_symm_contact.auth_atom_id_1    O 
_pdbx_validate_symm_contact.auth_asym_id_1    A 
_pdbx_validate_symm_contact.auth_comp_id_1    HOH 
_pdbx_validate_symm_contact.auth_seq_id_1     125 
_pdbx_validate_symm_contact.PDB_ins_code_1    ? 
_pdbx_validate_symm_contact.label_alt_id_1    ? 
_pdbx_validate_symm_contact.site_symmetry_1   1_555 
_pdbx_validate_symm_contact.auth_atom_id_2    O 
_pdbx_validate_symm_contact.auth_asym_id_2    A 
_pdbx_validate_symm_contact.auth_comp_id_2    HOH 
_pdbx_validate_symm_contact.auth_seq_id_2     125 
_pdbx_validate_symm_contact.PDB_ins_code_2    ? 
_pdbx_validate_symm_contact.label_alt_id_2    ? 
_pdbx_validate_symm_contact.site_symmetry_2   4_765 
_pdbx_validate_symm_contact.dist              1.96 
# 
loop_
_pdbx_struct_mod_residue.id 
_pdbx_struct_mod_residue.label_asym_id 
_pdbx_struct_mod_residue.label_comp_id 
_pdbx_struct_mod_residue.label_seq_id 
_pdbx_struct_mod_residue.auth_asym_id 
_pdbx_struct_mod_residue.auth_comp_id 
_pdbx_struct_mod_residue.auth_seq_id 
_pdbx_struct_mod_residue.PDB_ins_code 
_pdbx_struct_mod_residue.parent_comp_id 
_pdbx_struct_mod_residue.details 
1 A BRU 3 A BRU 3 ? DU ? 
2 A BRU 8 A BRU 8 ? DU ? 
# 
loop_
_pdbx_struct_special_symmetry.id 
_pdbx_struct_special_symmetry.PDB_model_num 
_pdbx_struct_special_symmetry.auth_asym_id 
_pdbx_struct_special_symmetry.auth_comp_id 
_pdbx_struct_special_symmetry.auth_seq_id 
_pdbx_struct_special_symmetry.PDB_ins_code 
_pdbx_struct_special_symmetry.label_asym_id 
_pdbx_struct_special_symmetry.label_comp_id 
_pdbx_struct_special_symmetry.label_seq_id 
1 1 A HOH 115 ? B HOH . 
2 1 A HOH 121 ? B HOH . 
# 
loop_
_chem_comp_atom.comp_id 
_chem_comp_atom.atom_id 
_chem_comp_atom.type_symbol 
_chem_comp_atom.pdbx_aromatic_flag 
_chem_comp_atom.pdbx_stereo_config 
_chem_comp_atom.pdbx_ordinal 
BRU N1     N  N N 1   
BRU C2     C  N N 2   
BRU N3     N  N N 3   
BRU C4     C  N N 4   
BRU C5     C  N N 5   
BRU C6     C  N N 6   
BRU O2     O  N N 7   
BRU O4     O  N N 8   
BRU BR     BR N N 9   
BRU "C1'"  C  N R 10  
BRU "C2'"  C  N N 11  
BRU "C3'"  C  N S 12  
BRU "C4'"  C  N R 13  
BRU "O3'"  O  N N 14  
BRU "O4'"  O  N N 15  
BRU "C5'"  C  N N 16  
BRU "O5'"  O  N N 17  
BRU P      P  N N 18  
BRU OP1    O  N N 19  
BRU OP2    O  N N 20  
BRU OP3    O  N N 21  
BRU HN3    H  N N 22  
BRU H6     H  N N 23  
BRU "H1'"  H  N N 24  
BRU "H2'"  H  N N 25  
BRU "H2''" H  N N 26  
BRU "H3'"  H  N N 27  
BRU "H4'"  H  N N 28  
BRU "HO3'" H  N N 29  
BRU "H5'"  H  N N 30  
BRU "H5''" H  N N 31  
BRU HOP2   H  N N 32  
BRU HOP3   H  N N 33  
DA  OP3    O  N N 34  
DA  P      P  N N 35  
DA  OP1    O  N N 36  
DA  OP2    O  N N 37  
DA  "O5'"  O  N N 38  
DA  "C5'"  C  N N 39  
DA  "C4'"  C  N R 40  
DA  "O4'"  O  N N 41  
DA  "C3'"  C  N S 42  
DA  "O3'"  O  N N 43  
DA  "C2'"  C  N N 44  
DA  "C1'"  C  N R 45  
DA  N9     N  Y N 46  
DA  C8     C  Y N 47  
DA  N7     N  Y N 48  
DA  C5     C  Y N 49  
DA  C6     C  Y N 50  
DA  N6     N  N N 51  
DA  N1     N  Y N 52  
DA  C2     C  Y N 53  
DA  N3     N  Y N 54  
DA  C4     C  Y N 55  
DA  HOP3   H  N N 56  
DA  HOP2   H  N N 57  
DA  "H5'"  H  N N 58  
DA  "H5''" H  N N 59  
DA  "H4'"  H  N N 60  
DA  "H3'"  H  N N 61  
DA  "HO3'" H  N N 62  
DA  "H2'"  H  N N 63  
DA  "H2''" H  N N 64  
DA  "H1'"  H  N N 65  
DA  H8     H  N N 66  
DA  H61    H  N N 67  
DA  H62    H  N N 68  
DA  H2     H  N N 69  
DC  OP3    O  N N 70  
DC  P      P  N N 71  
DC  OP1    O  N N 72  
DC  OP2    O  N N 73  
DC  "O5'"  O  N N 74  
DC  "C5'"  C  N N 75  
DC  "C4'"  C  N R 76  
DC  "O4'"  O  N N 77  
DC  "C3'"  C  N S 78  
DC  "O3'"  O  N N 79  
DC  "C2'"  C  N N 80  
DC  "C1'"  C  N R 81  
DC  N1     N  N N 82  
DC  C2     C  N N 83  
DC  O2     O  N N 84  
DC  N3     N  N N 85  
DC  C4     C  N N 86  
DC  N4     N  N N 87  
DC  C5     C  N N 88  
DC  C6     C  N N 89  
DC  HOP3   H  N N 90  
DC  HOP2   H  N N 91  
DC  "H5'"  H  N N 92  
DC  "H5''" H  N N 93  
DC  "H4'"  H  N N 94  
DC  "H3'"  H  N N 95  
DC  "HO3'" H  N N 96  
DC  "H2'"  H  N N 97  
DC  "H2''" H  N N 98  
DC  "H1'"  H  N N 99  
DC  H41    H  N N 100 
DC  H42    H  N N 101 
DC  H5     H  N N 102 
DC  H6     H  N N 103 
DG  OP3    O  N N 104 
DG  P      P  N N 105 
DG  OP1    O  N N 106 
DG  OP2    O  N N 107 
DG  "O5'"  O  N N 108 
DG  "C5'"  C  N N 109 
DG  "C4'"  C  N R 110 
DG  "O4'"  O  N N 111 
DG  "C3'"  C  N S 112 
DG  "O3'"  O  N N 113 
DG  "C2'"  C  N N 114 
DG  "C1'"  C  N R 115 
DG  N9     N  Y N 116 
DG  C8     C  Y N 117 
DG  N7     N  Y N 118 
DG  C5     C  Y N 119 
DG  C6     C  N N 120 
DG  O6     O  N N 121 
DG  N1     N  N N 122 
DG  C2     C  N N 123 
DG  N2     N  N N 124 
DG  N3     N  N N 125 
DG  C4     C  Y N 126 
DG  HOP3   H  N N 127 
DG  HOP2   H  N N 128 
DG  "H5'"  H  N N 129 
DG  "H5''" H  N N 130 
DG  "H4'"  H  N N 131 
DG  "H3'"  H  N N 132 
DG  "HO3'" H  N N 133 
DG  "H2'"  H  N N 134 
DG  "H2''" H  N N 135 
DG  "H1'"  H  N N 136 
DG  H8     H  N N 137 
DG  H1     H  N N 138 
DG  H21    H  N N 139 
DG  H22    H  N N 140 
DT  OP3    O  N N 141 
DT  P      P  N N 142 
DT  OP1    O  N N 143 
DT  OP2    O  N N 144 
DT  "O5'"  O  N N 145 
DT  "C5'"  C  N N 146 
DT  "C4'"  C  N R 147 
DT  "O4'"  O  N N 148 
DT  "C3'"  C  N S 149 
DT  "O3'"  O  N N 150 
DT  "C2'"  C  N N 151 
DT  "C1'"  C  N R 152 
DT  N1     N  N N 153 
DT  C2     C  N N 154 
DT  O2     O  N N 155 
DT  N3     N  N N 156 
DT  C4     C  N N 157 
DT  O4     O  N N 158 
DT  C5     C  N N 159 
DT  C7     C  N N 160 
DT  C6     C  N N 161 
DT  HOP3   H  N N 162 
DT  HOP2   H  N N 163 
DT  "H5'"  H  N N 164 
DT  "H5''" H  N N 165 
DT  "H4'"  H  N N 166 
DT  "H3'"  H  N N 167 
DT  "HO3'" H  N N 168 
DT  "H2'"  H  N N 169 
DT  "H2''" H  N N 170 
DT  "H1'"  H  N N 171 
DT  H3     H  N N 172 
DT  H71    H  N N 173 
DT  H72    H  N N 174 
DT  H73    H  N N 175 
DT  H6     H  N N 176 
HOH O      O  N N 177 
HOH H1     H  N N 178 
HOH H2     H  N N 179 
# 
loop_
_chem_comp_bond.comp_id 
_chem_comp_bond.atom_id_1 
_chem_comp_bond.atom_id_2 
_chem_comp_bond.value_order 
_chem_comp_bond.pdbx_aromatic_flag 
_chem_comp_bond.pdbx_stereo_config 
_chem_comp_bond.pdbx_ordinal 
BRU N1    C2     sing N N 1   
BRU N1    C6     sing N N 2   
BRU N1    "C1'"  sing N N 3   
BRU C2    N3     sing N N 4   
BRU C2    O2     doub N N 5   
BRU N3    C4     sing N N 6   
BRU N3    HN3    sing N N 7   
BRU C4    C5     sing N N 8   
BRU C4    O4     doub N N 9   
BRU C5    C6     doub N N 10  
BRU C5    BR     sing N N 11  
BRU C6    H6     sing N N 12  
BRU "C1'" "C2'"  sing N N 13  
BRU "C1'" "O4'"  sing N N 14  
BRU "C1'" "H1'"  sing N N 15  
BRU "C2'" "C3'"  sing N N 16  
BRU "C2'" "H2'"  sing N N 17  
BRU "C2'" "H2''" sing N N 18  
BRU "C3'" "C4'"  sing N N 19  
BRU "C3'" "O3'"  sing N N 20  
BRU "C3'" "H3'"  sing N N 21  
BRU "C4'" "O4'"  sing N N 22  
BRU "C4'" "C5'"  sing N N 23  
BRU "C4'" "H4'"  sing N N 24  
BRU "O3'" "HO3'" sing N N 25  
BRU "C5'" "O5'"  sing N N 26  
BRU "C5'" "H5'"  sing N N 27  
BRU "C5'" "H5''" sing N N 28  
BRU "O5'" P      sing N N 29  
BRU P     OP1    doub N N 30  
BRU P     OP2    sing N N 31  
BRU P     OP3    sing N N 32  
BRU OP2   HOP2   sing N N 33  
BRU OP3   HOP3   sing N N 34  
DA  OP3   P      sing N N 35  
DA  OP3   HOP3   sing N N 36  
DA  P     OP1    doub N N 37  
DA  P     OP2    sing N N 38  
DA  P     "O5'"  sing N N 39  
DA  OP2   HOP2   sing N N 40  
DA  "O5'" "C5'"  sing N N 41  
DA  "C5'" "C4'"  sing N N 42  
DA  "C5'" "H5'"  sing N N 43  
DA  "C5'" "H5''" sing N N 44  
DA  "C4'" "O4'"  sing N N 45  
DA  "C4'" "C3'"  sing N N 46  
DA  "C4'" "H4'"  sing N N 47  
DA  "O4'" "C1'"  sing N N 48  
DA  "C3'" "O3'"  sing N N 49  
DA  "C3'" "C2'"  sing N N 50  
DA  "C3'" "H3'"  sing N N 51  
DA  "O3'" "HO3'" sing N N 52  
DA  "C2'" "C1'"  sing N N 53  
DA  "C2'" "H2'"  sing N N 54  
DA  "C2'" "H2''" sing N N 55  
DA  "C1'" N9     sing N N 56  
DA  "C1'" "H1'"  sing N N 57  
DA  N9    C8     sing Y N 58  
DA  N9    C4     sing Y N 59  
DA  C8    N7     doub Y N 60  
DA  C8    H8     sing N N 61  
DA  N7    C5     sing Y N 62  
DA  C5    C6     sing Y N 63  
DA  C5    C4     doub Y N 64  
DA  C6    N6     sing N N 65  
DA  C6    N1     doub Y N 66  
DA  N6    H61    sing N N 67  
DA  N6    H62    sing N N 68  
DA  N1    C2     sing Y N 69  
DA  C2    N3     doub Y N 70  
DA  C2    H2     sing N N 71  
DA  N3    C4     sing Y N 72  
DC  OP3   P      sing N N 73  
DC  OP3   HOP3   sing N N 74  
DC  P     OP1    doub N N 75  
DC  P     OP2    sing N N 76  
DC  P     "O5'"  sing N N 77  
DC  OP2   HOP2   sing N N 78  
DC  "O5'" "C5'"  sing N N 79  
DC  "C5'" "C4'"  sing N N 80  
DC  "C5'" "H5'"  sing N N 81  
DC  "C5'" "H5''" sing N N 82  
DC  "C4'" "O4'"  sing N N 83  
DC  "C4'" "C3'"  sing N N 84  
DC  "C4'" "H4'"  sing N N 85  
DC  "O4'" "C1'"  sing N N 86  
DC  "C3'" "O3'"  sing N N 87  
DC  "C3'" "C2'"  sing N N 88  
DC  "C3'" "H3'"  sing N N 89  
DC  "O3'" "HO3'" sing N N 90  
DC  "C2'" "C1'"  sing N N 91  
DC  "C2'" "H2'"  sing N N 92  
DC  "C2'" "H2''" sing N N 93  
DC  "C1'" N1     sing N N 94  
DC  "C1'" "H1'"  sing N N 95  
DC  N1    C2     sing N N 96  
DC  N1    C6     sing N N 97  
DC  C2    O2     doub N N 98  
DC  C2    N3     sing N N 99  
DC  N3    C4     doub N N 100 
DC  C4    N4     sing N N 101 
DC  C4    C5     sing N N 102 
DC  N4    H41    sing N N 103 
DC  N4    H42    sing N N 104 
DC  C5    C6     doub N N 105 
DC  C5    H5     sing N N 106 
DC  C6    H6     sing N N 107 
DG  OP3   P      sing N N 108 
DG  OP3   HOP3   sing N N 109 
DG  P     OP1    doub N N 110 
DG  P     OP2    sing N N 111 
DG  P     "O5'"  sing N N 112 
DG  OP2   HOP2   sing N N 113 
DG  "O5'" "C5'"  sing N N 114 
DG  "C5'" "C4'"  sing N N 115 
DG  "C5'" "H5'"  sing N N 116 
DG  "C5'" "H5''" sing N N 117 
DG  "C4'" "O4'"  sing N N 118 
DG  "C4'" "C3'"  sing N N 119 
DG  "C4'" "H4'"  sing N N 120 
DG  "O4'" "C1'"  sing N N 121 
DG  "C3'" "O3'"  sing N N 122 
DG  "C3'" "C2'"  sing N N 123 
DG  "C3'" "H3'"  sing N N 124 
DG  "O3'" "HO3'" sing N N 125 
DG  "C2'" "C1'"  sing N N 126 
DG  "C2'" "H2'"  sing N N 127 
DG  "C2'" "H2''" sing N N 128 
DG  "C1'" N9     sing N N 129 
DG  "C1'" "H1'"  sing N N 130 
DG  N9    C8     sing Y N 131 
DG  N9    C4     sing Y N 132 
DG  C8    N7     doub Y N 133 
DG  C8    H8     sing N N 134 
DG  N7    C5     sing Y N 135 
DG  C5    C6     sing N N 136 
DG  C5    C4     doub Y N 137 
DG  C6    O6     doub N N 138 
DG  C6    N1     sing N N 139 
DG  N1    C2     sing N N 140 
DG  N1    H1     sing N N 141 
DG  C2    N2     sing N N 142 
DG  C2    N3     doub N N 143 
DG  N2    H21    sing N N 144 
DG  N2    H22    sing N N 145 
DG  N3    C4     sing N N 146 
DT  OP3   P      sing N N 147 
DT  OP3   HOP3   sing N N 148 
DT  P     OP1    doub N N 149 
DT  P     OP2    sing N N 150 
DT  P     "O5'"  sing N N 151 
DT  OP2   HOP2   sing N N 152 
DT  "O5'" "C5'"  sing N N 153 
DT  "C5'" "C4'"  sing N N 154 
DT  "C5'" "H5'"  sing N N 155 
DT  "C5'" "H5''" sing N N 156 
DT  "C4'" "O4'"  sing N N 157 
DT  "C4'" "C3'"  sing N N 158 
DT  "C4'" "H4'"  sing N N 159 
DT  "O4'" "C1'"  sing N N 160 
DT  "C3'" "O3'"  sing N N 161 
DT  "C3'" "C2'"  sing N N 162 
DT  "C3'" "H3'"  sing N N 163 
DT  "O3'" "HO3'" sing N N 164 
DT  "C2'" "C1'"  sing N N 165 
DT  "C2'" "H2'"  sing N N 166 
DT  "C2'" "H2''" sing N N 167 
DT  "C1'" N1     sing N N 168 
DT  "C1'" "H1'"  sing N N 169 
DT  N1    C2     sing N N 170 
DT  N1    C6     sing N N 171 
DT  C2    O2     doub N N 172 
DT  C2    N3     sing N N 173 
DT  N3    C4     sing N N 174 
DT  N3    H3     sing N N 175 
DT  C4    O4     doub N N 176 
DT  C4    C5     sing N N 177 
DT  C5    C7     sing N N 178 
DT  C5    C6     doub N N 179 
DT  C7    H71    sing N N 180 
DT  C7    H72    sing N N 181 
DT  C7    H73    sing N N 182 
DT  C6    H6     sing N N 183 
HOH O     H1     sing N N 184 
HOH O     H2     sing N N 185 
# 
loop_
_ndb_struct_conf_na.entry_id 
_ndb_struct_conf_na.feature 
4RIP 'double helix'         
4RIP 'parallel strands'     
4RIP 'mismatched base pair' 
# 
loop_
_ndb_struct_na_base_pair.model_number 
_ndb_struct_na_base_pair.i_label_asym_id 
_ndb_struct_na_base_pair.i_label_comp_id 
_ndb_struct_na_base_pair.i_label_seq_id 
_ndb_struct_na_base_pair.i_symmetry 
_ndb_struct_na_base_pair.j_label_asym_id 
_ndb_struct_na_base_pair.j_label_comp_id 
_ndb_struct_na_base_pair.j_label_seq_id 
_ndb_struct_na_base_pair.j_symmetry 
_ndb_struct_na_base_pair.shear 
_ndb_struct_na_base_pair.stretch 
_ndb_struct_na_base_pair.stagger 
_ndb_struct_na_base_pair.buckle 
_ndb_struct_na_base_pair.propeller 
_ndb_struct_na_base_pair.opening 
_ndb_struct_na_base_pair.pair_number 
_ndb_struct_na_base_pair.pair_name 
_ndb_struct_na_base_pair.i_auth_asym_id 
_ndb_struct_na_base_pair.i_auth_seq_id 
_ndb_struct_na_base_pair.i_PDB_ins_code 
_ndb_struct_na_base_pair.j_auth_asym_id 
_ndb_struct_na_base_pair.j_auth_seq_id 
_ndb_struct_na_base_pair.j_PDB_ins_code 
_ndb_struct_na_base_pair.hbond_type_28 
_ndb_struct_na_base_pair.hbond_type_12 
1 A DA  1  1_555 A DA  1  4_775 5.647  -5.121 0.000 8.518   -26.168 180.000  1 A_DA1:DA1_A   A 1  ? A 1  ? 2  8  
1 A DC  4  1_555 A DC  4  4_775 -1.833 -1.439 0.000 -0.422  4.449   -180.000 2 A_DC4:DC4_A   A 4  ? A 4  ? 15 2  
1 A DG  5  1_555 A DG  5  4_775 0.474  -6.955 0.000 22.991  -23.511 -180.000 3 A_DG5:DG5_A   A 5  ? A 5  ? 4  12 
1 A DG  6  1_555 A DG  6  4_775 3.176  8.064  0.000 -17.247 23.660  180.000  4 A_DG6:DG6_A   A 6  ? A 6  ? 4  12 
1 A DA  7  1_555 A DA  7  4_775 5.827  -5.288 0.000 31.485  -18.428 180.000  5 A_DA7:DA7_A   A 7  ? A 7  ? 2  7  
1 A BRU 8  1_555 A BRU 8  4_775 1.573  -2.307 0.000 9.571   -14.863 180.000  6 A_BRU8:BRU8_A A 8  ? A 8  ? 12 2  
1 A DA  10 1_555 A DA  10 4_775 5.343  -5.560 0.000 14.878  -36.747 180.000  7 A_DA10:DA10_A A 10 ? A 10 ? 2  7  
# 
loop_
_ndb_struct_na_base_pair_step.model_number 
_ndb_struct_na_base_pair_step.i_label_asym_id_1 
_ndb_struct_na_base_pair_step.i_label_comp_id_1 
_ndb_struct_na_base_pair_step.i_label_seq_id_1 
_ndb_struct_na_base_pair_step.i_symmetry_1 
_ndb_struct_na_base_pair_step.j_label_asym_id_1 
_ndb_struct_na_base_pair_step.j_label_comp_id_1 
_ndb_struct_na_base_pair_step.j_label_seq_id_1 
_ndb_struct_na_base_pair_step.j_symmetry_1 
_ndb_struct_na_base_pair_step.i_label_asym_id_2 
_ndb_struct_na_base_pair_step.i_label_comp_id_2 
_ndb_struct_na_base_pair_step.i_label_seq_id_2 
_ndb_struct_na_base_pair_step.i_symmetry_2 
_ndb_struct_na_base_pair_step.j_label_asym_id_2 
_ndb_struct_na_base_pair_step.j_label_comp_id_2 
_ndb_struct_na_base_pair_step.j_label_seq_id_2 
_ndb_struct_na_base_pair_step.j_symmetry_2 
_ndb_struct_na_base_pair_step.shift 
_ndb_struct_na_base_pair_step.slide 
_ndb_struct_na_base_pair_step.rise 
_ndb_struct_na_base_pair_step.tilt 
_ndb_struct_na_base_pair_step.roll 
_ndb_struct_na_base_pair_step.twist 
_ndb_struct_na_base_pair_step.x_displacement 
_ndb_struct_na_base_pair_step.y_displacement 
_ndb_struct_na_base_pair_step.helical_rise 
_ndb_struct_na_base_pair_step.inclination 
_ndb_struct_na_base_pair_step.tip 
_ndb_struct_na_base_pair_step.helical_twist 
_ndb_struct_na_base_pair_step.step_number 
_ndb_struct_na_base_pair_step.step_name 
_ndb_struct_na_base_pair_step.i_auth_asym_id_1 
_ndb_struct_na_base_pair_step.i_auth_seq_id_1 
_ndb_struct_na_base_pair_step.i_PDB_ins_code_1 
_ndb_struct_na_base_pair_step.j_auth_asym_id_1 
_ndb_struct_na_base_pair_step.j_auth_seq_id_1 
_ndb_struct_na_base_pair_step.j_PDB_ins_code_1 
_ndb_struct_na_base_pair_step.i_auth_asym_id_2 
_ndb_struct_na_base_pair_step.i_auth_seq_id_2 
_ndb_struct_na_base_pair_step.i_PDB_ins_code_2 
_ndb_struct_na_base_pair_step.j_auth_asym_id_2 
_ndb_struct_na_base_pair_step.j_auth_seq_id_2 
_ndb_struct_na_base_pair_step.j_PDB_ins_code_2 
1 A DC  4 1_555 A DC  4 4_775 A DG  5  1_555 A DG  5  4_775 0.000 -0.895 2.715 0.000 0.000 31.980   1.354  -3.440 1.795 -29.571 
38.573 31.980   1 AA_DC4DG5:DG5DC4_AA     A 4 ? A 4 ? A 5  ? A 5  ? 
1 A DG  5 1_555 A DG  5 4_775 A DG  6  1_555 A DG  6  4_775 0.000 -6.023 7.074 0.000 0.000 -159.900 -0.018 0.924  6.695 18.471  
3.656  -159.900 2 AA_DG5DG6:DG6DG5_AA     A 5 ? A 5 ? A 6  ? A 6  ? 
1 A DG  6 1_555 A DG  6 4_775 A DA  7  1_555 A DA  7  4_775 0.000 0.000  4.429 0.000 0.000 -13.233  0.000  0.000  4.429 0.000   
0.000  -13.233  3 AA_DG6DA7:DA7DG6_AA     A 6 ? A 6 ? A 7  ? A 7  ? 
1 A DA  7 1_555 A DA  7 4_775 A BRU 8  1_555 A BRU 8  4_775 0.000 0.000  3.422 0.000 0.000 51.986   0.000  0.000  3.422 0.000   
0.000  51.986   4 AA_DA7BRU8:BRU8DA7_AA   A 7 ? A 7 ? A 8  ? A 8  ? 
1 A BRU 8 1_555 A BRU 8 4_775 A DA  10 1_555 A DA  10 4_775 0.000 0.000  7.448 0.000 0.000 66.151   0.000  0.000  7.448 0.000   
0.000  66.151   5 AA_BRU8DA10:DA10BRU8_AA A 8 ? A 8 ? A 10 ? A 10 ? 
# 
_atom_sites.entry_id                    4RIP 
_atom_sites.fract_transf_matrix[1][1]   -0.01349601 
_atom_sites.fract_transf_matrix[1][2]   0.03517479 
_atom_sites.fract_transf_matrix[1][3]   0.02221855 
_atom_sites.fract_transf_matrix[2][1]   0.02672944 
_atom_sites.fract_transf_matrix[2][2]   0.03424852 
_atom_sites.fract_transf_matrix[2][3]   0.00506714 
_atom_sites.fract_transf_matrix[3][1]   -0.00211310 
_atom_sites.fract_transf_matrix[3][2]   0.00240160 
_atom_sites.fract_transf_matrix[3][3]   -0.00508558 
_atom_sites.fract_transf_vector[1]      0.932606 
_atom_sites.fract_transf_vector[2]      0.891090 
_atom_sites.fract_transf_vector[3]      0.215546 
# 
loop_
_atom_type.symbol 
BR 
C  
N  
O  
P  
# 
loop_
_atom_site.group_PDB 
_atom_site.id 
_atom_site.type_symbol 
_atom_site.label_atom_id 
_atom_site.label_alt_id 
_atom_site.label_comp_id 
_atom_site.label_asym_id 
_atom_site.label_entity_id 
_atom_site.label_seq_id 
_atom_site.pdbx_PDB_ins_code 
_atom_site.Cartn_x 
_atom_site.Cartn_y 
_atom_site.Cartn_z 
_atom_site.occupancy 
_atom_site.B_iso_or_equiv 
_atom_site.pdbx_formal_charge 
_atom_site.auth_seq_id 
_atom_site.auth_comp_id 
_atom_site.auth_asym_id 
_atom_site.auth_atom_id 
_atom_site.pdbx_PDB_model_num 
ATOM   1   O  "O5'" . DA  A 1 1  ? 4.641  -9.884  9.274   1.00 20.70 ? 1   DA  A "O5'" 1 
ATOM   2   C  "C5'" . DA  A 1 1  ? 5.388  -10.387 10.365  1.00 21.55 ? 1   DA  A "C5'" 1 
ATOM   3   C  "C4'" . DA  A 1 1  ? 6.868  -10.247 10.078  1.00 21.48 ? 1   DA  A "C4'" 1 
ATOM   4   O  "O4'" . DA  A 1 1  ? 7.293  -8.879  10.349  1.00 19.32 ? 1   DA  A "O4'" 1 
ATOM   5   C  "C3'" . DA  A 1 1  ? 7.766  -11.132 10.938  1.00 24.38 ? 1   DA  A "C3'" 1 
ATOM   6   O  "O3'" . DA  A 1 1  ? 8.921  -11.446 10.189  1.00 26.14 ? 1   DA  A "O3'" 1 
ATOM   7   C  "C2'" . DA  A 1 1  ? 8.156  -10.191 12.068  1.00 23.50 ? 1   DA  A "C2'" 1 
ATOM   8   C  "C1'" . DA  A 1 1  ? 8.359  -8.894  11.277  1.00 21.09 ? 1   DA  A "C1'" 1 
ATOM   9   N  N9    . DA  A 1 1  ? 8.270  -7.723  12.152  1.00 20.57 ? 1   DA  A N9    1 
ATOM   10  C  C8    . DA  A 1 1  ? 7.177  -7.279  12.853  1.00 19.28 ? 1   DA  A C8    1 
ATOM   11  N  N7    . DA  A 1 1  ? 7.414  -6.208  13.582  1.00 19.38 ? 1   DA  A N7    1 
ATOM   12  C  C5    . DA  A 1 1  ? 8.759  -5.932  13.343  1.00 19.75 ? 1   DA  A C5    1 
ATOM   13  C  C6    . DA  A 1 1  ? 9.640  -4.919  13.816  1.00 20.36 ? 1   DA  A C6    1 
ATOM   14  N  N6    . DA  A 1 1  ? 9.303  -3.936  14.671  1.00 19.79 ? 1   DA  A N6    1 
ATOM   15  N  N1    . DA  A 1 1  ? 10.915 -4.945  13.378  1.00 20.75 ? 1   DA  A N1    1 
ATOM   16  C  C2    . DA  A 1 1  ? 11.283 -5.920  12.530  1.00 19.77 ? 1   DA  A C2    1 
ATOM   17  N  N3    . DA  A 1 1  ? 10.552 -6.916  12.019  1.00 18.69 ? 1   DA  A N3    1 
ATOM   18  C  C4    . DA  A 1 1  ? 9.294  -6.862  12.470  1.00 19.06 ? 1   DA  A C4    1 
ATOM   19  P  P     . DC  A 1 2  ? 9.148  -12.939 9.632   1.00 27.36 ? 2   DC  A P     1 
ATOM   20  O  OP1   . DC  A 1 2  ? 8.475  -13.889 10.561  1.00 28.99 ? 2   DC  A OP1   1 
ATOM   21  O  OP2   . DC  A 1 2  ? 10.601 -13.087 9.300   1.00 27.63 ? 2   DC  A OP2   1 
ATOM   22  O  "O5'" . DC  A 1 2  ? 8.269  -12.974 8.289   1.00 26.06 ? 2   DC  A "O5'" 1 
ATOM   23  C  "C5'" . DC  A 1 2  ? 8.583  -12.164 7.162   1.00 26.52 ? 2   DC  A "C5'" 1 
ATOM   24  C  "C4'" . DC  A 1 2  ? 7.772  -12.735 6.012   1.00 27.98 ? 2   DC  A "C4'" 1 
ATOM   25  O  "O4'" . DC  A 1 2  ? 8.364  -13.986 5.595   1.00 28.73 ? 2   DC  A "O4'" 1 
ATOM   26  C  "C3'" . DC  A 1 2  ? 6.311  -13.082 6.333   1.00 26.70 ? 2   DC  A "C3'" 1 
ATOM   27  O  "O3'" . DC  A 1 2  ? 5.488  -12.507 5.323   1.00 26.57 ? 2   DC  A "O3'" 1 
ATOM   28  C  "C2'" . DC  A 1 2  ? 6.229  -14.607 6.338   1.00 25.45 ? 2   DC  A "C2'" 1 
ATOM   29  C  "C1'" . DC  A 1 2  ? 7.325  -14.909 5.337   1.00 26.26 ? 2   DC  A "C1'" 1 
ATOM   30  N  N1    . DC  A 1 2  ? 7.936  -16.253 5.465   1.00 27.29 ? 2   DC  A N1    1 
ATOM   31  C  C2    . DC  A 1 2  ? 8.351  -16.839 4.263   1.00 25.76 ? 2   DC  A C2    1 
ATOM   32  O  O2    . DC  A 1 2  ? 8.170  -16.205 3.208   1.00 25.20 ? 2   DC  A O2    1 
ATOM   33  N  N3    . DC  A 1 2  ? 8.929  -18.064 4.298   1.00 26.23 ? 2   DC  A N3    1 
ATOM   34  C  C4    . DC  A 1 2  ? 9.091  -18.675 5.481   1.00 25.38 ? 2   DC  A C4    1 
ATOM   35  N  N4    . DC  A 1 2  ? 9.663  -19.888 5.445   1.00 26.21 ? 2   DC  A N4    1 
ATOM   36  C  C5    . DC  A 1 2  ? 8.680  -18.092 6.724   1.00 23.09 ? 2   DC  A C5    1 
ATOM   37  C  C6    . DC  A 1 2  ? 8.109  -16.879 6.678   1.00 24.82 ? 2   DC  A C6    1 
HETATM 38  N  N1    . BRU A 1 3  ? 1.590  -11.589 9.186   1.00 24.56 ? 3   BRU A N1    1 
HETATM 39  C  C2    . BRU A 1 3  ? 1.420  -11.059 10.483  1.00 23.13 ? 3   BRU A C2    1 
HETATM 40  N  N3    . BRU A 1 3  ? 2.129  -11.524 11.528  1.00 25.43 ? 3   BRU A N3    1 
HETATM 41  C  C4    . BRU A 1 3  ? 3.020  -12.521 11.368  1.00 24.76 ? 3   BRU A C4    1 
HETATM 42  C  C5    . BRU A 1 3  ? 3.203  -13.102 10.008  1.00 25.45 ? 3   BRU A C5    1 
HETATM 43  C  C6    . BRU A 1 3  ? 2.453  -12.592 8.951   1.00 24.14 ? 3   BRU A C6    1 
HETATM 44  O  O2    . BRU A 1 3  ? 0.594  -10.130 10.651  1.00 23.93 ? 3   BRU A O2    1 
HETATM 45  O  O4    . BRU A 1 3  ? 3.696  -12.964 12.339  1.00 22.59 ? 3   BRU A O4    1 
HETATM 46  BR BR    . BRU A 1 3  ? 4.462  -14.499 9.727   0.75 31.36 ? 3   BRU A BR    1 
HETATM 47  C  "C1'" . BRU A 1 3  ? 0.779  -11.076 8.075   1.00 24.11 ? 3   BRU A "C1'" 1 
HETATM 48  C  "C2'" . BRU A 1 3  ? 1.331  -9.791  7.467   1.00 23.17 ? 3   BRU A "C2'" 1 
HETATM 49  C  "C3'" . BRU A 1 3  ? 0.977  -9.970  6.001   1.00 25.62 ? 3   BRU A "C3'" 1 
HETATM 50  C  "C4'" . BRU A 1 3  ? 0.952  -11.469 5.757   1.00 25.78 ? 3   BRU A "C4'" 1 
HETATM 51  O  "O3'" . BRU A 1 3  ? -0.394 -9.588  5.856   1.00 27.11 ? 3   BRU A "O3'" 1 
HETATM 52  O  "O4'" . BRU A 1 3  ? 0.801  -12.071 7.040   1.00 23.50 ? 3   BRU A "O4'" 1 
HETATM 53  C  "C5'" . BRU A 1 3  ? 2.242  -11.972 5.140   1.00 25.13 ? 3   BRU A "C5'" 1 
HETATM 54  O  "O5'" . BRU A 1 3  ? 3.246  -11.623 6.092   1.00 27.59 ? 3   BRU A "O5'" 1 
HETATM 55  P  P     . BRU A 1 3  ? 4.707  -11.130 5.616   1.00 26.65 ? 3   BRU A P     1 
HETATM 56  O  OP1   . BRU A 1 3  ? 4.515  -10.395 4.303   1.00 28.26 ? 3   BRU A OP1   1 
HETATM 57  O  OP2   . BRU A 1 3  ? 5.396  -10.440 6.788   1.00 25.61 ? 3   BRU A OP2   1 
ATOM   58  P  P     . DC  A 1 4  ? -0.827 -8.426  4.834   1.00 25.99 ? 4   DC  A P     1 
ATOM   59  O  OP1   . DC  A 1 4  ? -2.306 -8.512  4.666   1.00 25.69 ? 4   DC  A OP1   1 
ATOM   60  O  OP2   . DC  A 1 4  ? 0.098  -8.457  3.660   1.00 25.68 ? 4   DC  A OP2   1 
ATOM   61  O  "O5'" . DC  A 1 4  ? -0.496 -7.081  5.634   1.00 22.62 ? 4   DC  A "O5'" 1 
ATOM   62  C  "C5'" . DC  A 1 4  ? -1.067 -6.915  6.933   1.00 22.03 ? 4   DC  A "C5'" 1 
ATOM   63  C  "C4'" . DC  A 1 4  ? -1.336 -5.437  7.135   1.00 21.58 ? 4   DC  A "C4'" 1 
ATOM   64  O  "O4'" . DC  A 1 4  ? -0.062 -4.731  7.135   1.00 20.22 ? 4   DC  A "O4'" 1 
ATOM   65  C  "C3'" . DC  A 1 4  ? -2.181 -4.749  6.067   1.00 21.20 ? 4   DC  A "C3'" 1 
ATOM   66  O  "O3'" . DC  A 1 4  ? -2.972 -3.809  6.770   1.00 23.14 ? 4   DC  A "O3'" 1 
ATOM   67  C  "C2'" . DC  A 1 4  ? -1.133 -4.053  5.203   1.00 19.60 ? 4   DC  A "C2'" 1 
ATOM   68  C  "C1'" . DC  A 1 4  ? -0.154 -3.599  6.285   1.00 19.21 ? 4   DC  A "C1'" 1 
ATOM   69  N  N1    . DC  A 1 4  ? 1.226  -3.291  5.802   1.00 18.03 ? 4   DC  A N1    1 
ATOM   70  C  C2    . DC  A 1 4  ? 1.793  -2.049  6.072   1.00 17.42 ? 4   DC  A C2    1 
ATOM   71  O  O2    . DC  A 1 4  ? 1.156  -1.193  6.706   1.00 18.20 ? 4   DC  A O2    1 
ATOM   72  N  N3    . DC  A 1 4  ? 3.046  -1.803  5.625   1.00 19.38 ? 4   DC  A N3    1 
ATOM   73  C  C4    . DC  A 1 4  ? 3.731  -2.724  4.933   1.00 19.80 ? 4   DC  A C4    1 
ATOM   74  N  N4    . DC  A 1 4  ? 4.969  -2.383  4.517   1.00 17.47 ? 4   DC  A N4    1 
ATOM   75  C  C5    . DC  A 1 4  ? 3.163  -4.008  4.637   1.00 18.15 ? 4   DC  A C5    1 
ATOM   76  C  C6    . DC  A 1 4  ? 1.925  -4.238  5.092   1.00 18.65 ? 4   DC  A C6    1 
ATOM   77  P  P     . DG  A 1 5  ? -4.294 -3.183  6.100   1.00 21.70 ? 5   DG  A P     1 
ATOM   78  O  OP1   . DG  A 1 5  ? -5.142 -2.626  7.194   1.00 22.69 ? 5   DG  A OP1   1 
ATOM   79  O  OP2   . DG  A 1 5  ? -4.860 -4.194  5.163   1.00 23.85 ? 5   DG  A OP2   1 
ATOM   80  O  "O5'" . DG  A 1 5  ? -3.721 -1.958  5.243   1.00 21.68 ? 5   DG  A "O5'" 1 
ATOM   81  C  "C5'" . DG  A 1 5  ? -3.035 -0.864  5.891   1.00 19.61 ? 5   DG  A "C5'" 1 
ATOM   82  C  "C4'" . DG  A 1 5  ? -2.471 0.049   4.817   1.00 19.76 ? 5   DG  A "C4'" 1 
ATOM   83  O  "O4'" . DG  A 1 5  ? -1.282 -0.562  4.249   1.00 20.35 ? 5   DG  A "O4'" 1 
ATOM   84  C  "C3'" . DG  A 1 5  ? -3.382 0.312   3.621   1.00 20.35 ? 5   DG  A "C3'" 1 
ATOM   85  O  "O3'" . DG  A 1 5  ? -3.176 1.669   3.223   1.00 22.38 ? 5   DG  A "O3'" 1 
ATOM   86  C  "C2'" . DG  A 1 5  ? -2.869 -0.675  2.566   1.00 19.95 ? 5   DG  A "C2'" 1 
ATOM   87  C  "C1'" . DG  A 1 5  ? -1.372 -0.561  2.834   1.00 19.95 ? 5   DG  A "C1'" 1 
ATOM   88  N  N9    . DG  A 1 5  ? -0.556 -1.676  2.334   1.00 20.12 ? 5   DG  A N9    1 
ATOM   89  C  C8    . DG  A 1 5  ? -0.995 -2.930  1.959   1.00 18.48 ? 5   DG  A C8    1 
ATOM   90  N  N7    . DG  A 1 5  ? -0.028 -3.724  1.561   1.00 17.93 ? 5   DG  A N7    1 
ATOM   91  C  C5    . DG  A 1 5  ? 1.126  -2.953  1.679   1.00 18.78 ? 5   DG  A C5    1 
ATOM   92  C  C6    . DG  A 1 5  ? 2.478  -3.278  1.400   1.00 19.10 ? 5   DG  A C6    1 
ATOM   93  O  O6    . DG  A 1 5  ? 2.933  -4.355  0.969   1.00 19.12 ? 5   DG  A O6    1 
ATOM   94  N  N1    . DG  A 1 5  ? 3.345  -2.207  1.665   1.00 17.85 ? 5   DG  A N1    1 
ATOM   95  C  C2    . DG  A 1 5  ? 2.937  -0.976  2.147   1.00 18.47 ? 5   DG  A C2    1 
ATOM   96  N  N2    . DG  A 1 5  ? 3.893  -0.048  2.347   1.00 18.60 ? 5   DG  A N2    1 
ATOM   97  N  N3    . DG  A 1 5  ? 1.669  -0.666  2.417   1.00 19.19 ? 5   DG  A N3    1 
ATOM   98  C  C4    . DG  A 1 5  ? 0.822  -1.693  2.161   1.00 18.72 ? 5   DG  A C4    1 
ATOM   99  P  P     . DG  A 1 6  ? -4.275 2.429   2.311   1.00 22.00 ? 6   DG  A P     1 
ATOM   100 O  OP1   . DG  A 1 6  ? -3.814 3.829   2.115   1.00 21.28 ? 6   DG  A OP1   1 
ATOM   101 O  OP2   . DG  A 1 6  ? -5.623 2.146   2.878   1.00 20.37 ? 6   DG  A OP2   1 
ATOM   102 O  "O5'" . DG  A 1 6  ? -4.176 1.665   0.906   1.00 24.59 ? 6   DG  A "O5'" 1 
ATOM   103 C  "C5'" . DG  A 1 6  ? -5.262 1.601   0.002   1.00 23.74 ? 6   DG  A "C5'" 1 
ATOM   104 C  "C4'" . DG  A 1 6  ? -4.897 2.424   -1.222  1.00 27.01 ? 6   DG  A "C4'" 1 
ATOM   105 O  "O4'" . DG  A 1 6  ? -3.639 1.971   -1.788  1.00 26.83 ? 6   DG  A "O4'" 1 
ATOM   106 C  "C3'" . DG  A 1 6  ? -5.907 2.330   -2.351  1.00 28.44 ? 6   DG  A "C3'" 1 
ATOM   107 O  "O3'" . DG  A 1 6  ? -6.092 3.636   -2.869  1.00 35.28 ? 6   DG  A "O3'" 1 
ATOM   108 C  "C2'" . DG  A 1 6  ? -5.241 1.394   -3.361  1.00 26.31 ? 6   DG  A "C2'" 1 
ATOM   109 C  "C1'" . DG  A 1 6  ? -3.786 1.810   -3.189  1.00 25.84 ? 6   DG  A "C1'" 1 
ATOM   110 N  N9    . DG  A 1 6  ? -2.828 0.805   -3.660  1.00 23.90 ? 6   DG  A N9    1 
ATOM   111 C  C8    . DG  A 1 6  ? -3.130 -0.494  -4.011  1.00 22.28 ? 6   DG  A C8    1 
ATOM   112 N  N7    . DG  A 1 6  ? -2.082 -1.174  -4.398  1.00 22.67 ? 6   DG  A N7    1 
ATOM   113 C  C5    . DG  A 1 6  ? -1.017 -0.267  -4.301  1.00 22.87 ? 6   DG  A C5    1 
ATOM   114 C  C6    . DG  A 1 6  ? 0.367  -0.426  -4.581  1.00 22.25 ? 6   DG  A C6    1 
ATOM   115 O  O6    . DG  A 1 6  ? 0.974  -1.429  -4.991  1.00 22.32 ? 6   DG  A O6    1 
ATOM   116 N  N1    . DG  A 1 6  ? 1.086  0.742   -4.338  1.00 22.92 ? 6   DG  A N1    1 
ATOM   117 C  C2    . DG  A 1 6  ? 0.547  1.925   -3.885  1.00 22.93 ? 6   DG  A C2    1 
ATOM   118 N  N2    . DG  A 1 6  ? 1.412  2.948   -3.714  1.00 24.47 ? 6   DG  A N2    1 
ATOM   119 N  N3    . DG  A 1 6  ? -0.746 2.089   -3.620  1.00 21.73 ? 6   DG  A N3    1 
ATOM   120 C  C4    . DG  A 1 6  ? -1.464 0.959   -3.848  1.00 22.82 ? 6   DG  A C4    1 
ATOM   121 P  P     . DA  A 1 7  ? -7.567 4.150   -3.272  1.00 38.11 ? 7   DA  A P     1 
ATOM   122 O  OP1   . DA  A 1 7  ? -8.551 3.463   -2.380  1.00 32.99 ? 7   DA  A OP1   1 
ATOM   123 O  OP2   . DA  A 1 7  ? -7.715 4.011   -4.746  1.00 36.38 ? 7   DA  A OP2   1 
ATOM   124 O  "O5'" . DA  A 1 7  ? -7.506 5.725   -2.964  1.00 36.07 ? 7   DA  A "O5'" 1 
ATOM   125 C  "C5'" . DA  A 1 7  ? -7.602 6.177   -1.618  1.00 34.56 ? 7   DA  A "C5'" 1 
ATOM   126 C  "C4'" . DA  A 1 7  ? -6.538 7.224   -1.386  1.00 35.20 ? 7   DA  A "C4'" 1 
ATOM   127 O  "O4'" . DA  A 1 7  ? -5.253 6.636   -1.668  1.00 33.00 ? 7   DA  A "O4'" 1 
ATOM   128 C  "C3'" . DA  A 1 7  ? -6.575 8.464   -2.275  1.00 38.35 ? 7   DA  A "C3'" 1 
ATOM   129 O  "O3'" . DA  A 1 7  ? -7.516 9.354   -1.662  1.00 43.22 ? 7   DA  A "O3'" 1 
ATOM   130 C  "C2'" . DA  A 1 7  ? -5.142 8.973   -2.115  1.00 37.17 ? 7   DA  A "C2'" 1 
ATOM   131 C  "C1'" . DA  A 1 7  ? -4.344 7.701   -1.882  1.00 31.76 ? 7   DA  A "C1'" 1 
ATOM   132 N  N9    . DA  A 1 7  ? -3.448 7.337   -2.977  1.00 31.51 ? 7   DA  A N9    1 
ATOM   133 C  C8    . DA  A 1 7  ? -3.502 6.239   -3.800  1.00 30.91 ? 7   DA  A C8    1 
ATOM   134 N  N7    . DA  A 1 7  ? -2.521 6.192   -4.678  1.00 29.95 ? 7   DA  A N7    1 
ATOM   135 C  C5    . DA  A 1 7  ? -1.784 7.336   -4.400  1.00 28.29 ? 7   DA  A C5    1 
ATOM   136 C  C6    . DA  A 1 7  ? -0.621 7.874   -4.967  1.00 28.18 ? 7   DA  A C6    1 
ATOM   137 N  N6    . DA  A 1 7  ? 0.025  7.283   -5.982  1.00 29.06 ? 7   DA  A N6    1 
ATOM   138 N  N1    . DA  A 1 7  ? -0.147 9.030   -4.453  1.00 27.35 ? 7   DA  A N1    1 
ATOM   139 C  C2    . DA  A 1 7  ? -0.799 9.608   -3.436  1.00 26.01 ? 7   DA  A C2    1 
ATOM   140 N  N3    . DA  A 1 7  ? -1.902 9.194   -2.820  1.00 29.04 ? 7   DA  A N3    1 
ATOM   141 C  C4    . DA  A 1 7  ? -2.339 8.049   -3.359  1.00 28.49 ? 7   DA  A C4    1 
HETATM 142 N  N1    . BRU A 1 8  ? -4.141 9.660   -6.474  1.00 37.45 ? 8   BRU A N1    1 
HETATM 143 C  C2    . BRU A 1 8  ? -3.024 9.183   -7.193  1.00 34.88 ? 8   BRU A C2    1 
HETATM 144 N  N3    . BRU A 1 8  ? -3.034 7.980   -7.773  1.00 35.32 ? 8   BRU A N3    1 
HETATM 145 C  C4    . BRU A 1 8  ? -4.116 7.198   -7.678  1.00 36.65 ? 8   BRU A C4    1 
HETATM 146 C  C5    . BRU A 1 8  ? -5.302 7.685   -6.927  1.00 37.05 ? 8   BRU A C5    1 
HETATM 147 C  C6    . BRU A 1 8  ? -5.260 8.937   -6.341  1.00 38.04 ? 8   BRU A C6    1 
HETATM 148 O  O2    . BRU A 1 8  ? -2.005 9.904   -7.285  1.00 35.12 ? 8   BRU A O2    1 
HETATM 149 O  O4    . BRU A 1 8  ? -4.132 6.065   -8.218  1.00 37.37 ? 8   BRU A O4    1 
HETATM 150 BR BR    . BRU A 1 8  ? -6.850 6.621   -6.774  0.50 39.26 ? 8   BRU A BR    1 
HETATM 151 C  "C1'" . BRU A 1 8  ? -4.053 10.988  -5.875  1.00 39.17 ? 8   BRU A "C1'" 1 
HETATM 152 C  "C2'" . BRU A 1 8  ? -5.045 11.952  -6.517  1.00 42.58 ? 8   BRU A "C2'" 1 
HETATM 153 C  "C3'" . BRU A 1 8  ? -5.166 13.017  -5.444  1.00 44.30 ? 8   BRU A "C3'" 1 
HETATM 154 C  "C4'" . BRU A 1 8  ? -4.841 12.296  -4.141  1.00 41.47 ? 8   BRU A "C4'" 1 
HETATM 155 O  "O3'" . BRU A 1 8  ? -4.136 13.996  -5.623  1.00 47.73 ? 8   BRU A "O3'" 1 
HETATM 156 O  "O4'" . BRU A 1 8  ? -4.405 10.975  -4.489  1.00 37.92 ? 8   BRU A "O4'" 1 
HETATM 157 C  "C5'" . BRU A 1 8  ? -6.027 12.236  -3.195  1.00 39.85 ? 8   BRU A "C5'" 1 
HETATM 158 O  "O5'" . BRU A 1 8  ? -6.777 11.046  -3.433  1.00 40.02 ? 8   BRU A "O5'" 1 
HETATM 159 P  P     . BRU A 1 8  ? -7.970 10.727  -2.396  1.00 49.42 ? 8   BRU A P     1 
HETATM 160 O  OP1   . BRU A 1 8  ? -7.953 11.836  -1.350  1.00 49.01 ? 8   BRU A OP1   1 
HETATM 161 O  OP2   . BRU A 1 8  ? -9.221 10.439  -3.217  1.00 45.27 ? 8   BRU A OP2   1 
ATOM   162 P  P     . DG  A 1 9  ? -4.280 15.142  -6.745  1.00 53.46 ? 9   DG  A P     1 
ATOM   163 O  OP1   . DG  A 1 9  ? -3.183 16.124  -6.531  1.00 48.50 ? 9   DG  A OP1   1 
ATOM   164 O  OP2   . DG  A 1 9  ? -5.699 15.593  -6.755  1.00 48.56 ? 9   DG  A OP2   1 
ATOM   165 O  "O5'" . DG  A 1 9  ? -3.993 14.366  -8.125  1.00 45.42 ? 9   DG  A "O5'" 1 
ATOM   166 C  "C5'" . DG  A 1 9  ? -2.715 13.751  -8.349  1.00 44.57 ? 9   DG  A "C5'" 1 
ATOM   167 C  "C4'" . DG  A 1 9  ? -2.724 12.917  -9.620  1.00 45.21 ? 9   DG  A "C4'" 1 
ATOM   168 O  "O4'" . DG  A 1 9  ? -3.578 11.764  -9.463  1.00 44.09 ? 9   DG  A "O4'" 1 
ATOM   169 C  "C3'" . DG  A 1 9  ? -3.232 13.652  -10.861 1.00 49.00 ? 9   DG  A "C3'" 1 
ATOM   170 O  "O3'" . DG  A 1 9  ? -2.329 13.490  -11.940 1.00 51.11 ? 9   DG  A "O3'" 1 
ATOM   171 C  "C2'" . DG  A 1 9  ? -4.578 13.033  -11.193 1.00 45.18 ? 9   DG  A "C2'" 1 
ATOM   172 C  "C1'" . DG  A 1 9  ? -4.401 11.646  -10.603 1.00 45.92 ? 9   DG  A "C1'" 1 
ATOM   173 N  N9    . DG  A 1 9  ? -5.684 11.133  -10.174 1.00 46.18 ? 9   DG  A N9    1 
ATOM   174 C  C8    . DG  A 1 9  ? -6.729 11.853  -9.632  1.00 47.87 ? 9   DG  A C8    1 
ATOM   175 N  N7    . DG  A 1 9  ? -7.768 11.110  -9.350  1.00 48.31 ? 9   DG  A N7    1 
ATOM   176 C  C5    . DG  A 1 9  ? -7.371 9.827   -9.738  1.00 46.48 ? 9   DG  A C5    1 
ATOM   177 C  C6    . DG  A 1 9  ? -8.068 8.597   -9.678  1.00 48.06 ? 9   DG  A C6    1 
ATOM   178 O  O6    . DG  A 1 9  ? -9.225 8.403   -9.254  1.00 51.27 ? 9   DG  A O6    1 
ATOM   179 N  N1    . DG  A 1 9  ? -7.288 7.537   -10.177 1.00 45.79 ? 9   DG  A N1    1 
ATOM   180 C  C2    . DG  A 1 9  ? -5.998 7.643   -10.671 1.00 42.55 ? 9   DG  A C2    1 
ATOM   181 N  N2    . DG  A 1 9  ? -5.411 6.512   -11.111 1.00 40.13 ? 9   DG  A N2    1 
ATOM   182 N  N3    . DG  A 1 9  ? -5.338 8.794   -10.728 1.00 43.09 ? 9   DG  A N3    1 
ATOM   183 C  C4    . DG  A 1 9  ? -6.087 9.825   -10.248 1.00 44.68 ? 9   DG  A C4    1 
ATOM   184 P  P     . DA  A 1 10 ? -1.649 14.784  -12.605 1.00 57.52 ? 10  DA  A P     1 
ATOM   185 O  OP1   . DA  A 1 10 ? -1.628 15.869  -11.581 1.00 51.66 ? 10  DA  A OP1   1 
ATOM   186 O  OP2   . DA  A 1 10 ? -2.301 15.010  -13.923 1.00 53.50 ? 10  DA  A OP2   1 
ATOM   187 O  "O5'" . DA  A 1 10 ? -0.132 14.341  -12.810 1.00 53.53 ? 10  DA  A "O5'" 1 
ATOM   188 C  "C5'" . DA  A 1 10 ? 0.245  13.899  -14.079 1.00 53.87 ? 10  DA  A "C5'" 1 
ATOM   189 C  "C4'" . DA  A 1 10 ? 1.271  12.815  -13.911 1.00 53.06 ? 10  DA  A "C4'" 1 
ATOM   190 O  "O4'" . DA  A 1 10 ? 0.583  11.591  -13.570 1.00 48.11 ? 10  DA  A "O4'" 1 
ATOM   191 C  "C3'" . DA  A 1 10 ? 2.027  12.530  -15.195 1.00 54.03 ? 10  DA  A "C3'" 1 
ATOM   192 O  "O3'" . DA  A 1 10 ? 3.325  12.051  -14.873 1.00 55.74 ? 10  DA  A "O3'" 1 
ATOM   193 C  "C2'" . DA  A 1 10 ? 1.139  11.503  -15.892 1.00 51.80 ? 10  DA  A "C2'" 1 
ATOM   194 C  "C1'" . DA  A 1 10 ? 0.572  10.741  -14.701 1.00 47.93 ? 10  DA  A "C1'" 1 
ATOM   195 N  N9    . DA  A 1 10 ? -0.794 10.257  -14.864 1.00 48.81 ? 10  DA  A N9    1 
ATOM   196 C  C8    . DA  A 1 10 ? -1.911 10.659  -14.177 1.00 47.93 ? 10  DA  A C8    1 
ATOM   197 N  N7    . DA  A 1 10 ? -3.002 10.008  -14.531 1.00 45.83 ? 10  DA  A N7    1 
ATOM   198 C  C5    . DA  A 1 10 ? -2.571 9.122   -15.513 1.00 45.24 ? 10  DA  A C5    1 
ATOM   199 C  C6    . DA  A 1 10 ? -3.227 8.144   -16.303 1.00 45.76 ? 10  DA  A C6    1 
ATOM   200 N  N6    . DA  A 1 10 ? -4.534 7.872   -16.228 1.00 46.09 ? 10  DA  A N6    1 
ATOM   201 N  N1    . DA  A 1 10 ? -2.486 7.436   -17.190 1.00 47.02 ? 10  DA  A N1    1 
ATOM   202 C  C2    . DA  A 1 10 ? -1.173 7.697   -17.278 1.00 48.42 ? 10  DA  A C2    1 
ATOM   203 N  N3    . DA  A 1 10 ? -0.443 8.586   -16.593 1.00 48.56 ? 10  DA  A N3    1 
ATOM   204 C  C4    . DA  A 1 10 ? -1.209 9.267   -15.724 1.00 47.18 ? 10  DA  A C4    1 
ATOM   205 P  P     . DT  A 1 11 ? 4.620  12.891  -15.313 1.00 61.40 ? 11  DT  A P     1 
ATOM   206 O  OP1   . DT  A 1 11 ? 4.336  14.340  -15.070 1.00 53.67 ? 11  DT  A OP1   1 
ATOM   207 O  OP2   . DT  A 1 11 ? 5.031  12.416  -16.661 1.00 60.16 ? 11  DT  A OP2   1 
HETATM 208 O  O     . HOH B 2 .  ? 2.334  -6.348  7.565   1.00 17.34 ? 101 HOH A O     1 
HETATM 209 O  O     . HOH B 2 .  ? 4.667  -6.990  9.098   1.00 17.30 ? 102 HOH A O     1 
HETATM 210 O  O     . HOH B 2 .  ? 5.399  -5.384  0.810   1.00 18.84 ? 103 HOH A O     1 
HETATM 211 O  O     . HOH B 2 .  ? -3.392 5.377   0.335   1.00 24.64 ? 104 HOH A O     1 
HETATM 212 O  O     . HOH B 2 .  ? 6.125  -4.826  3.469   1.00 20.40 ? 105 HOH A O     1 
HETATM 213 O  O     . HOH B 2 .  ? -7.597 -1.125  8.053   1.00 26.31 ? 106 HOH A O     1 
HETATM 214 O  O     . HOH B 2 .  ? 13.587 -4.025  13.723  1.00 21.89 ? 107 HOH A O     1 
HETATM 215 O  O     . HOH B 2 .  ? -5.387 -4.158  9.080   1.00 24.94 ? 108 HOH A O     1 
HETATM 216 O  O     . HOH B 2 .  ? 7.509  -16.538 9.604   1.00 28.25 ? 109 HOH A O     1 
HETATM 217 O  O     . HOH B 2 .  ? 1.899  -6.831  2.722   1.00 26.13 ? 110 HOH A O     1 
HETATM 218 O  O     . HOH B 2 .  ? -7.181 4.840   -9.385  1.00 43.12 ? 111 HOH A O     1 
HETATM 219 O  O     . HOH B 2 .  ? 10.908 -14.723 5.335   1.00 32.28 ? 112 HOH A O     1 
HETATM 220 O  O     . HOH B 2 .  ? 7.703  -13.977 13.276  1.00 32.96 ? 113 HOH A O     1 
HETATM 221 O  O     . HOH B 2 .  ? 5.704  -12.488 14.322  1.00 31.10 ? 114 HOH A O     1 
HETATM 222 O  O     . HOH B 2 .  ? 5.432  -17.324 11.254  0.50 29.96 ? 115 HOH A O     1 
HETATM 223 O  O     . HOH B 2 .  ? 14.534 -1.789  12.394  1.00 27.10 ? 116 HOH A O     1 
HETATM 224 O  O     . HOH B 2 .  ? 2.784  -7.356  5.076   1.00 25.47 ? 117 HOH A O     1 
HETATM 225 O  O     . HOH B 2 .  ? -9.521 -2.162  7.845   1.00 32.11 ? 118 HOH A O     1 
HETATM 226 O  O     . HOH B 2 .  ? 4.637  -8.218  0.579   1.00 35.01 ? 119 HOH A O     1 
HETATM 227 O  O     . HOH B 2 .  ? -7.118 -0.029  2.476   1.00 27.84 ? 120 HOH A O     1 
HETATM 228 O  O     . HOH B 2 .  ? -4.848 13.982  -14.547 0.50 48.25 ? 121 HOH A O     1 
HETATM 229 O  O     . HOH B 2 .  ? -4.269 -4.350  2.676   1.00 26.49 ? 122 HOH A O     1 
HETATM 230 O  O     . HOH B 2 .  ? -5.676 3.523   -6.458  1.00 36.85 ? 123 HOH A O     1 
HETATM 231 O  O     . HOH B 2 .  ? 0.449  -10.323 2.413   1.00 35.30 ? 124 HOH A O     1 
HETATM 232 O  O     . HOH B 2 .  ? -7.897 -5.433  8.505   1.00 34.03 ? 125 HOH A O     1 
# 
